data_7YZU
#
_entry.id   7YZU
#
_cell.length_a   66.270
_cell.length_b   99.380
_cell.length_c   53.760
_cell.angle_alpha   90.000
_cell.angle_beta   90.000
_cell.angle_gamma   90.000
#
_symmetry.space_group_name_H-M   'P 21 21 21'
#
loop_
_entity.id
_entity.type
_entity.pdbx_description
1 polymer 'Sulfoquinovosyl binding protein'
2 non-polymer '[(2S,3S,4S,5R,6S)-6-methoxy-3,4,5-tris(oxidanyl)oxan-2-yl]methanesulfonic acid'
3 water water
#
_entity_poly.entity_id   1
_entity_poly.type   'polypeptide(L)'
_entity_poly.pdbx_seq_one_letter_code
;MDAELKIFVSSQHQPDIWRKALDQYEAKTPGVKVVIETGGNTSEMQAQYLNTVMSAKDSSLDVLMLDVIRPAQFATAGWT
SDFSGKDLSAYLPTYAEANTVNGKIVALPAFADSMFLYYRKDLLDKYGIKPPTTWDELKEASKKVMEGEKNPELQGLSFQ
GKAIEGAVCTFLLPYWSEGKSLVENGKLNFDNKAAVDSLKLWKSFVDDGISKKNISEVATDDTRKEFQAGKVLFAVNWSY
AWTHFQGKESQVNDKVGVARLPAVKGGEQTTCLGGWEFGVSAYSKQQDEAKKLVEYLSSQDVSKFMAINAALLPTYAALY
KDADVTKTIPWFADALPVVETAKARPVTPRYNEVSETIRTTVNGVLAGVMTPEDGAKQMESRLRRVLRLEHHHHHH
;
_entity_poly.pdbx_strand_id   A
#
# COMPACT_ATOMS: atom_id res chain seq x y z
N GLU A 4 -24.42 -18.45 -0.45
CA GLU A 4 -23.79 -18.19 0.86
C GLU A 4 -22.33 -17.88 0.57
N LEU A 5 -22.00 -16.61 0.31
CA LEU A 5 -20.65 -16.23 -0.20
C LEU A 5 -19.68 -15.95 0.95
N LYS A 6 -18.40 -16.27 0.76
CA LYS A 6 -17.28 -15.96 1.69
C LYS A 6 -16.28 -15.09 0.96
N ILE A 7 -15.98 -13.91 1.53
CA ILE A 7 -15.00 -12.94 0.97
C ILE A 7 -13.82 -12.81 1.93
N PHE A 8 -12.61 -13.00 1.42
CA PHE A 8 -11.33 -12.78 2.15
C PHE A 8 -10.96 -11.31 2.06
N VAL A 9 -10.90 -10.66 3.22
CA VAL A 9 -10.56 -9.22 3.39
C VAL A 9 -9.57 -9.09 4.54
N SER A 10 -8.43 -8.44 4.31
CA SER A 10 -7.46 -8.06 5.39
C SER A 10 -8.17 -7.35 6.55
N SER A 11 -7.78 -7.69 7.79
CA SER A 11 -8.17 -6.96 9.03
C SER A 11 -7.80 -5.49 8.87
N GLN A 12 -6.81 -5.18 8.02
CA GLN A 12 -6.28 -3.82 7.79
C GLN A 12 -7.18 -2.98 6.88
N HIS A 13 -8.01 -3.60 6.02
CA HIS A 13 -8.74 -2.91 4.92
C HIS A 13 -10.15 -2.51 5.39
N GLN A 14 -10.37 -2.34 6.70
CA GLN A 14 -11.63 -1.81 7.30
C GLN A 14 -12.78 -2.72 6.91
N PRO A 15 -12.74 -4.04 7.24
CA PRO A 15 -13.82 -4.95 6.89
C PRO A 15 -15.19 -4.50 7.44
N ASP A 16 -15.22 -3.78 8.56
CA ASP A 16 -16.48 -3.24 9.14
C ASP A 16 -17.10 -2.20 8.19
N ILE A 17 -16.29 -1.50 7.39
CA ILE A 17 -16.83 -0.54 6.39
C ILE A 17 -17.21 -1.33 5.13
N TRP A 18 -16.44 -2.32 4.71
CA TRP A 18 -16.86 -3.27 3.65
C TRP A 18 -18.18 -3.98 4.03
N ARG A 19 -18.36 -4.32 5.31
CA ARG A 19 -19.58 -5.00 5.81
C ARG A 19 -20.81 -4.15 5.48
N LYS A 20 -20.70 -2.82 5.56
CA LYS A 20 -21.85 -1.90 5.26
C LYS A 20 -22.24 -2.05 3.79
N ALA A 21 -21.24 -2.09 2.90
CA ALA A 21 -21.41 -2.28 1.45
C ALA A 21 -22.01 -3.66 1.18
N LEU A 22 -21.60 -4.69 1.95
CA LEU A 22 -22.18 -6.05 1.78
C LEU A 22 -23.64 -6.02 2.22
N ASP A 23 -23.94 -5.25 3.27
CA ASP A 23 -25.33 -5.15 3.82
C ASP A 23 -26.22 -4.51 2.75
N GLN A 24 -25.74 -3.46 2.09
CA GLN A 24 -26.45 -2.80 0.96
C GLN A 24 -26.71 -3.83 -0.14
N TYR A 25 -25.71 -4.66 -0.48
CA TYR A 25 -25.88 -5.76 -1.46
C TYR A 25 -26.99 -6.72 -1.00
N GLU A 26 -26.92 -7.22 0.25
CA GLU A 26 -27.84 -8.29 0.70
C GLU A 26 -29.26 -7.73 0.71
N ALA A 27 -29.40 -6.44 1.04
CA ALA A 27 -30.71 -5.75 1.17
C ALA A 27 -31.46 -5.78 -0.15
N LYS A 28 -30.71 -5.75 -1.27
CA LYS A 28 -31.25 -5.62 -2.65
C LYS A 28 -31.13 -6.96 -3.40
N THR A 29 -30.47 -7.98 -2.83
CA THR A 29 -30.19 -9.28 -3.49
C THR A 29 -30.72 -10.43 -2.63
N PRO A 30 -32.02 -10.78 -2.72
CA PRO A 30 -32.60 -11.75 -1.81
C PRO A 30 -32.04 -13.16 -2.06
N GLY A 31 -31.85 -13.90 -0.98
CA GLY A 31 -31.31 -15.28 -1.02
C GLY A 31 -29.78 -15.31 -1.00
N VAL A 32 -29.09 -14.16 -1.06
CA VAL A 32 -27.59 -14.11 -1.08
C VAL A 32 -27.15 -13.46 0.23
N LYS A 33 -26.33 -14.18 1.00
CA LYS A 33 -25.64 -13.63 2.19
C LYS A 33 -24.15 -13.77 1.92
N VAL A 34 -23.37 -12.80 2.40
CA VAL A 34 -21.89 -12.77 2.34
C VAL A 34 -21.37 -12.80 3.77
N VAL A 35 -20.27 -13.50 4.01
CA VAL A 35 -19.57 -13.48 5.32
C VAL A 35 -18.12 -13.13 5.04
N ILE A 36 -17.54 -12.25 5.86
CA ILE A 36 -16.10 -11.84 5.75
C ILE A 36 -15.24 -12.89 6.45
N GLU A 37 -14.20 -13.36 5.77
CA GLU A 37 -13.08 -14.10 6.40
C GLU A 37 -11.90 -13.12 6.46
N THR A 38 -11.47 -12.76 7.65
CA THR A 38 -10.41 -11.73 7.84
C THR A 38 -9.09 -12.46 7.67
N GLY A 39 -8.11 -11.81 7.07
CA GLY A 39 -6.73 -12.30 6.93
C GLY A 39 -5.74 -11.44 7.68
N GLY A 40 -4.46 -11.78 7.57
CA GLY A 40 -3.35 -11.06 8.18
C GLY A 40 -3.40 -9.58 7.85
N ASN A 41 -2.84 -8.75 8.72
CA ASN A 41 -2.75 -7.29 8.49
C ASN A 41 -1.98 -7.00 7.22
N THR A 42 -0.82 -7.68 6.98
CA THR A 42 0.11 -7.35 5.87
C THR A 42 -0.08 -8.29 4.68
N SER A 43 0.18 -7.77 3.48
CA SER A 43 -0.02 -8.45 2.20
C SER A 43 0.74 -9.79 2.11
N GLU A 44 2.02 -9.84 2.49
CA GLU A 44 2.79 -11.11 2.37
C GLU A 44 2.20 -12.18 3.31
N MET A 45 1.62 -11.80 4.46
CA MET A 45 1.00 -12.79 5.39
C MET A 45 -0.26 -13.34 4.72
N GLN A 46 -1.05 -12.46 4.09
CA GLN A 46 -2.28 -12.85 3.38
C GLN A 46 -1.90 -13.79 2.23
N ALA A 47 -0.84 -13.45 1.50
CA ALA A 47 -0.35 -14.22 0.34
C ALA A 47 0.10 -15.61 0.77
N GLN A 48 0.93 -15.72 1.83
CA GLN A 48 1.39 -17.04 2.36
C GLN A 48 0.17 -17.88 2.72
N TYR A 49 -0.85 -17.28 3.30
CA TYR A 49 -2.09 -18.01 3.65
C TYR A 49 -2.78 -18.51 2.38
N LEU A 50 -3.07 -17.60 1.44
CA LEU A 50 -3.89 -17.91 0.24
C LEU A 50 -3.17 -18.93 -0.64
N ASN A 51 -1.83 -18.87 -0.71
CA ASN A 51 -1.05 -19.88 -1.45
C ASN A 51 -1.40 -21.27 -0.92
N THR A 52 -1.51 -21.42 0.41
CA THR A 52 -1.74 -22.74 1.05
C THR A 52 -3.10 -23.31 0.62
N VAL A 53 -4.14 -22.49 0.65
CA VAL A 53 -5.53 -22.98 0.40
C VAL A 53 -5.80 -23.05 -1.11
N MET A 54 -5.31 -22.09 -1.91
CA MET A 54 -5.43 -22.17 -3.39
C MET A 54 -4.66 -23.39 -3.93
N SER A 55 -3.42 -23.63 -3.50
CA SER A 55 -2.65 -24.88 -3.76
C SER A 55 -3.51 -26.15 -3.56
N ALA A 56 -4.21 -26.25 -2.43
CA ALA A 56 -4.98 -27.43 -1.99
C ALA A 56 -6.38 -27.42 -2.61
N LYS A 57 -6.69 -26.43 -3.46
CA LYS A 57 -7.97 -26.32 -4.20
C LYS A 57 -9.13 -26.28 -3.20
N ASP A 58 -8.91 -25.63 -2.05
CA ASP A 58 -9.94 -25.36 -1.03
C ASP A 58 -11.09 -24.58 -1.68
N SER A 59 -12.33 -25.08 -1.61
CA SER A 59 -13.52 -24.43 -2.18
C SER A 59 -14.19 -23.46 -1.19
N SER A 60 -13.62 -23.24 0.00
CA SER A 60 -14.33 -22.49 1.07
C SER A 60 -14.55 -21.04 0.63
N LEU A 61 -13.50 -20.38 0.10
CA LEU A 61 -13.51 -18.93 -0.27
C LEU A 61 -14.10 -18.73 -1.67
N ASP A 62 -14.92 -17.69 -1.83
CA ASP A 62 -15.60 -17.35 -3.10
C ASP A 62 -14.86 -16.19 -3.78
N VAL A 63 -14.62 -15.09 -3.04
CA VAL A 63 -14.03 -13.82 -3.55
C VAL A 63 -12.78 -13.52 -2.72
N LEU A 64 -11.69 -13.17 -3.39
CA LEU A 64 -10.40 -12.84 -2.75
C LEU A 64 -10.12 -11.36 -2.97
N MET A 65 -9.86 -10.61 -1.87
CA MET A 65 -9.27 -9.27 -1.98
C MET A 65 -7.75 -9.46 -2.08
N LEU A 66 -7.18 -9.11 -3.22
CA LEU A 66 -5.76 -9.42 -3.56
C LEU A 66 -4.98 -8.13 -3.80
N ASP A 67 -3.68 -8.14 -3.55
CA ASP A 67 -2.86 -6.93 -3.72
C ASP A 67 -2.61 -6.75 -5.22
N VAL A 68 -2.26 -5.53 -5.58
CA VAL A 68 -2.00 -5.10 -6.99
C VAL A 68 -0.81 -5.91 -7.54
N ILE A 69 -0.04 -6.55 -6.66
CA ILE A 69 1.19 -7.31 -7.00
C ILE A 69 0.87 -8.77 -7.31
N ARG A 70 -0.40 -9.20 -7.18
CA ARG A 70 -0.79 -10.64 -7.15
C ARG A 70 -1.32 -11.18 -8.48
N PRO A 71 -1.90 -10.38 -9.43
CA PRO A 71 -2.48 -10.95 -10.65
C PRO A 71 -1.58 -11.89 -11.48
N ALA A 72 -0.28 -11.65 -11.61
CA ALA A 72 0.58 -12.50 -12.46
C ALA A 72 0.62 -13.90 -11.85
N GLN A 73 0.81 -13.96 -10.52
CA GLN A 73 0.84 -15.25 -9.79
C GLN A 73 -0.49 -15.98 -9.98
N PHE A 74 -1.59 -15.32 -9.62
CA PHE A 74 -2.92 -15.97 -9.51
C PHE A 74 -3.38 -16.38 -10.90
N ALA A 75 -3.11 -15.55 -11.91
CA ALA A 75 -3.42 -15.88 -13.31
C ALA A 75 -2.68 -17.17 -13.70
N THR A 76 -1.35 -17.20 -13.55
CA THR A 76 -0.53 -18.32 -14.04
C THR A 76 -0.76 -19.61 -13.25
N ALA A 77 -1.20 -19.52 -11.99
CA ALA A 77 -1.44 -20.68 -11.12
C ALA A 77 -2.79 -21.29 -11.50
N GLY A 78 -3.65 -20.49 -12.12
CA GLY A 78 -5.04 -20.86 -12.45
C GLY A 78 -5.93 -20.77 -11.23
N TRP A 79 -5.64 -19.82 -10.33
CA TRP A 79 -6.33 -19.74 -9.02
C TRP A 79 -7.61 -18.90 -9.10
N THR A 80 -7.83 -18.14 -10.19
CA THR A 80 -9.00 -17.23 -10.33
C THR A 80 -9.76 -17.50 -11.63
N SER A 81 -11.06 -17.25 -11.59
CA SER A 81 -12.00 -17.31 -12.74
C SER A 81 -11.96 -15.94 -13.45
N ASP A 82 -11.49 -15.91 -14.69
CA ASP A 82 -11.36 -14.64 -15.47
C ASP A 82 -12.74 -14.03 -15.74
N PHE A 83 -12.82 -12.69 -15.78
CA PHE A 83 -14.03 -11.95 -16.18
C PHE A 83 -14.00 -11.90 -17.71
N SER A 84 -14.78 -12.80 -18.32
CA SER A 84 -14.74 -13.07 -19.78
C SER A 84 -15.42 -11.91 -20.48
N GLY A 85 -14.77 -11.41 -21.55
CA GLY A 85 -15.20 -10.24 -22.33
C GLY A 85 -15.41 -9.00 -21.48
N LYS A 86 -14.74 -8.89 -20.32
CA LYS A 86 -14.92 -7.75 -19.40
C LYS A 86 -14.09 -6.59 -19.94
N ASP A 87 -14.60 -5.36 -19.87
CA ASP A 87 -13.92 -4.12 -20.31
C ASP A 87 -13.47 -3.40 -19.04
N LEU A 88 -12.16 -3.19 -18.85
CA LEU A 88 -11.61 -2.48 -17.68
C LEU A 88 -11.43 -0.97 -17.97
N SER A 89 -12.02 -0.41 -19.03
CA SER A 89 -11.65 0.95 -19.46
C SER A 89 -12.40 2.02 -18.65
N ALA A 90 -13.35 1.64 -17.80
CA ALA A 90 -13.99 2.59 -16.84
C ALA A 90 -12.99 2.96 -15.73
N TYR A 91 -11.92 2.19 -15.55
CA TYR A 91 -11.02 2.31 -14.39
C TYR A 91 -9.73 3.03 -14.81
N LEU A 92 -8.98 3.51 -13.82
CA LEU A 92 -7.62 4.09 -14.02
C LEU A 92 -6.81 3.13 -14.88
N PRO A 93 -6.15 3.63 -15.95
CA PRO A 93 -5.30 2.82 -16.80
C PRO A 93 -4.32 1.96 -15.99
N THR A 94 -3.84 2.43 -14.84
CA THR A 94 -2.76 1.72 -14.08
C THR A 94 -3.36 0.43 -13.55
N TYR A 95 -4.67 0.44 -13.23
CA TYR A 95 -5.36 -0.71 -12.62
C TYR A 95 -5.97 -1.61 -13.71
N ALA A 96 -6.35 -1.07 -14.88
CA ALA A 96 -6.65 -1.88 -16.08
C ALA A 96 -5.44 -2.78 -16.38
N GLU A 97 -4.24 -2.19 -16.34
CA GLU A 97 -2.97 -2.85 -16.75
C GLU A 97 -2.60 -3.93 -15.73
N ALA A 98 -2.69 -3.63 -14.42
CA ALA A 98 -2.32 -4.54 -13.31
C ALA A 98 -3.19 -5.80 -13.34
N ASN A 99 -4.47 -5.67 -13.70
CA ASN A 99 -5.50 -6.74 -13.58
C ASN A 99 -5.66 -7.53 -14.89
N THR A 100 -4.80 -7.29 -15.89
CA THR A 100 -4.80 -7.96 -17.22
C THR A 100 -3.49 -8.73 -17.33
N VAL A 101 -3.54 -10.04 -17.48
CA VAL A 101 -2.33 -10.89 -17.65
C VAL A 101 -2.60 -11.72 -18.91
N ASN A 102 -1.67 -11.66 -19.88
CA ASN A 102 -1.80 -12.39 -21.17
C ASN A 102 -3.21 -12.22 -21.73
N GLY A 103 -3.78 -11.00 -21.71
CA GLY A 103 -5.06 -10.69 -22.36
C GLY A 103 -6.30 -11.02 -21.55
N LYS A 104 -6.18 -11.65 -20.37
CA LYS A 104 -7.31 -12.12 -19.56
C LYS A 104 -7.54 -11.13 -18.43
N ILE A 105 -8.81 -10.81 -18.17
CA ILE A 105 -9.22 -9.96 -17.02
C ILE A 105 -9.24 -10.90 -15.82
N VAL A 106 -8.23 -10.78 -14.97
CA VAL A 106 -7.97 -11.67 -13.81
C VAL A 106 -8.87 -11.30 -12.63
N ALA A 107 -9.21 -10.03 -12.50
CA ALA A 107 -9.77 -9.45 -11.26
C ALA A 107 -10.38 -8.10 -11.60
N LEU A 108 -11.27 -7.59 -10.76
CA LEU A 108 -11.80 -6.22 -10.94
C LEU A 108 -11.24 -5.35 -9.80
N PRO A 109 -10.75 -4.15 -10.12
CA PRO A 109 -10.19 -3.25 -9.13
C PRO A 109 -11.13 -3.04 -7.94
N ALA A 110 -10.61 -3.08 -6.71
CA ALA A 110 -11.37 -2.82 -5.47
C ALA A 110 -11.09 -1.38 -5.03
N PHE A 111 -9.84 -0.99 -4.85
CA PHE A 111 -9.48 0.41 -4.50
C PHE A 111 -8.06 0.70 -4.95
N ALA A 112 -7.75 1.97 -5.23
CA ALA A 112 -6.38 2.43 -5.54
C ALA A 112 -5.62 2.73 -4.25
N ASP A 113 -4.31 2.94 -4.38
CA ASP A 113 -3.48 3.35 -3.24
C ASP A 113 -2.14 3.79 -3.82
N SER A 114 -1.48 4.65 -3.05
CA SER A 114 -0.08 5.12 -3.25
C SER A 114 0.45 5.59 -1.91
N MET A 115 1.77 5.63 -1.74
CA MET A 115 2.37 6.15 -0.51
C MET A 115 2.43 7.67 -0.57
N PHE A 116 2.10 8.29 0.56
CA PHE A 116 2.16 9.75 0.79
C PHE A 116 2.96 10.02 2.06
N LEU A 117 3.43 11.27 2.19
CA LEU A 117 4.00 11.79 3.45
C LEU A 117 2.89 12.45 4.26
N TYR A 118 2.53 11.82 5.38
CA TYR A 118 1.66 12.45 6.41
C TYR A 118 2.56 13.26 7.32
N TYR A 119 2.11 14.44 7.70
CA TYR A 119 2.89 15.28 8.62
C TYR A 119 1.94 16.00 9.57
N ARG A 120 2.50 16.31 10.75
CA ARG A 120 1.82 17.10 11.79
C ARG A 120 1.90 18.58 11.38
N LYS A 121 0.84 19.09 10.73
CA LYS A 121 0.80 20.47 10.19
C LYS A 121 0.82 21.45 11.38
N ASP A 122 0.37 21.02 12.56
CA ASP A 122 0.40 21.88 13.77
C ASP A 122 1.87 22.11 14.19
N LEU A 123 2.71 21.09 14.10
CA LEU A 123 4.15 21.17 14.49
C LEU A 123 4.96 21.88 13.42
N LEU A 124 4.83 21.51 12.15
CA LEU A 124 5.47 22.29 11.09
C LEU A 124 5.04 23.77 11.21
N ASP A 125 3.75 24.05 11.42
CA ASP A 125 3.26 25.45 11.45
C ASP A 125 3.88 26.18 12.65
N LYS A 126 3.95 25.50 13.80
CA LYS A 126 4.54 26.04 15.05
C LYS A 126 5.97 26.54 14.78
N TYR A 127 6.71 25.82 13.95
CA TYR A 127 8.16 26.08 13.73
C TYR A 127 8.42 26.77 12.39
N GLY A 128 7.39 27.14 11.66
CA GLY A 128 7.53 27.92 10.41
C GLY A 128 8.12 27.08 9.29
N ILE A 129 7.93 25.76 9.35
CA ILE A 129 8.54 24.79 8.38
C ILE A 129 7.55 24.48 7.24
N LYS A 130 8.04 24.50 5.99
CA LYS A 130 7.29 24.01 4.81
C LYS A 130 7.38 22.48 4.77
N PRO A 131 6.35 21.80 4.24
CA PRO A 131 6.47 20.37 3.96
C PRO A 131 7.75 20.08 3.16
N PRO A 132 8.55 19.10 3.61
CA PRO A 132 9.85 18.85 3.00
C PRO A 132 9.69 18.19 1.62
N THR A 133 10.47 18.67 0.64
CA THR A 133 10.47 18.15 -0.75
C THR A 133 11.69 17.25 -0.99
N THR A 134 12.67 17.24 -0.08
CA THR A 134 13.84 16.32 -0.11
C THR A 134 13.97 15.63 1.25
N TRP A 135 14.59 14.46 1.27
CA TRP A 135 14.86 13.73 2.54
C TRP A 135 15.78 14.59 3.40
N ASP A 136 16.67 15.38 2.78
CA ASP A 136 17.59 16.29 3.51
C ASP A 136 16.76 17.33 4.26
N GLU A 137 15.77 17.90 3.61
CA GLU A 137 14.84 18.90 4.22
C GLU A 137 14.04 18.22 5.32
N LEU A 138 13.65 16.96 5.14
CA LEU A 138 12.88 16.22 6.18
C LEU A 138 13.78 15.99 7.41
N LYS A 139 15.07 15.75 7.24
CA LYS A 139 15.97 15.52 8.39
C LYS A 139 16.12 16.84 9.14
N GLU A 140 16.31 17.93 8.41
CA GLU A 140 16.49 19.27 9.03
C GLU A 140 15.21 19.63 9.78
N ALA A 141 14.02 19.39 9.23
CA ALA A 141 12.75 19.72 9.92
C ALA A 141 12.62 18.88 11.20
N SER A 142 12.95 17.60 11.14
CA SER A 142 12.84 16.63 12.25
C SER A 142 13.70 17.08 13.41
N LYS A 143 14.99 17.30 13.18
CA LYS A 143 15.90 17.75 14.25
C LYS A 143 15.39 19.06 14.85
N LYS A 144 14.89 20.01 14.05
CA LYS A 144 14.42 21.35 14.54
C LYS A 144 13.24 21.14 15.50
N VAL A 145 12.26 20.34 15.07
CA VAL A 145 11.02 20.09 15.86
C VAL A 145 11.36 19.25 17.11
N MET A 146 12.14 18.18 16.95
CA MET A 146 12.44 17.30 18.10
C MET A 146 13.17 18.13 19.17
N GLU A 147 14.04 19.05 18.76
CA GLU A 147 14.89 19.78 19.73
C GLU A 147 14.04 20.87 20.38
N GLY A 148 13.11 21.48 19.64
CA GLY A 148 12.14 22.46 20.16
C GLY A 148 11.12 21.84 21.10
N GLU A 149 10.62 20.64 20.79
CA GLU A 149 9.45 20.08 21.51
C GLU A 149 9.91 19.47 22.83
N LYS A 150 11.15 18.97 22.90
CA LYS A 150 11.65 18.26 24.12
C LYS A 150 10.61 17.23 24.58
N ASN A 151 10.07 16.48 23.62
CA ASN A 151 9.12 15.38 23.86
C ASN A 151 9.84 14.05 23.58
N PRO A 152 10.16 13.26 24.63
CA PRO A 152 10.91 12.00 24.46
C PRO A 152 10.17 10.98 23.60
N GLU A 153 8.84 11.09 23.50
CA GLU A 153 8.02 10.13 22.74
C GLU A 153 7.92 10.54 21.25
N LEU A 154 8.33 11.75 20.86
CA LEU A 154 8.09 12.25 19.48
C LEU A 154 9.15 11.62 18.57
N GLN A 155 8.70 10.86 17.57
CA GLN A 155 9.59 10.37 16.50
C GLN A 155 9.61 11.40 15.35
N GLY A 156 10.78 11.64 14.77
CA GLY A 156 10.87 12.45 13.54
C GLY A 156 10.16 11.79 12.36
N LEU A 157 10.50 10.55 12.04
CA LEU A 157 9.97 9.81 10.87
C LEU A 157 9.70 8.34 11.24
N SER A 158 8.47 7.91 11.00
CA SER A 158 8.08 6.49 11.02
C SER A 158 7.93 5.99 9.57
N PHE A 159 8.60 4.89 9.27
CA PHE A 159 8.52 4.20 7.96
C PHE A 159 8.53 2.72 8.29
N GLN A 160 8.23 1.87 7.31
CA GLN A 160 8.04 0.42 7.56
C GLN A 160 9.40 -0.25 7.35
N GLY A 161 9.98 -0.76 8.44
CA GLY A 161 11.25 -1.50 8.43
C GLY A 161 11.09 -2.96 8.76
N LYS A 162 9.88 -3.41 9.11
CA LYS A 162 9.58 -4.85 9.37
C LYS A 162 9.70 -5.64 8.06
N ALA A 163 10.01 -6.94 8.12
CA ALA A 163 10.14 -7.80 6.91
C ALA A 163 8.75 -8.13 6.38
N ILE A 164 8.03 -7.11 5.92
CA ILE A 164 6.62 -7.19 5.42
C ILE A 164 6.64 -6.65 3.98
N GLU A 165 5.52 -6.73 3.27
CA GLU A 165 5.39 -6.23 1.87
C GLU A 165 5.69 -4.74 1.84
N GLY A 166 5.35 -3.99 2.89
CA GLY A 166 5.54 -2.54 2.83
C GLY A 166 7.00 -2.17 2.76
N ALA A 167 7.90 -3.02 3.27
CA ALA A 167 9.37 -2.78 3.24
C ALA A 167 9.94 -2.90 1.82
N VAL A 168 9.30 -3.71 0.98
CA VAL A 168 9.61 -3.67 -0.48
C VAL A 168 9.38 -2.22 -0.95
N CYS A 169 8.19 -1.67 -0.70
CA CYS A 169 7.86 -0.29 -1.08
C CYS A 169 8.93 0.67 -0.54
N THR A 170 9.30 0.55 0.74
CA THR A 170 10.33 1.36 1.43
C THR A 170 11.63 1.34 0.61
N PHE A 171 12.08 0.15 0.26
CA PHE A 171 13.34 0.03 -0.50
C PHE A 171 13.24 0.82 -1.81
N LEU A 172 12.11 0.77 -2.51
CA LEU A 172 12.05 1.28 -3.91
C LEU A 172 11.91 2.80 -3.92
N LEU A 173 11.43 3.44 -2.85
CA LEU A 173 11.09 4.87 -2.91
C LEU A 173 12.32 5.68 -3.31
N PRO A 174 13.49 5.50 -2.66
CA PRO A 174 14.65 6.31 -3.02
C PRO A 174 15.23 5.83 -4.36
N TYR A 175 15.10 4.53 -4.63
CA TYR A 175 15.61 3.90 -5.88
C TYR A 175 14.92 4.59 -7.06
N TRP A 176 13.59 4.74 -7.02
CA TRP A 176 12.81 5.38 -8.10
C TRP A 176 13.07 6.89 -8.14
N SER A 177 13.20 7.54 -6.99
CA SER A 177 13.46 9.00 -6.92
C SER A 177 14.77 9.33 -7.64
N GLU A 178 15.74 8.43 -7.57
CA GLU A 178 17.04 8.62 -8.22
C GLU A 178 16.86 8.37 -9.74
N GLY A 179 15.67 7.99 -10.20
CA GLY A 179 15.33 7.84 -11.64
C GLY A 179 15.59 6.44 -12.16
N LYS A 180 15.84 5.46 -11.30
CA LYS A 180 16.26 4.10 -11.72
C LYS A 180 15.04 3.19 -11.77
N SER A 181 15.14 2.12 -12.56
CA SER A 181 14.11 1.07 -12.73
C SER A 181 14.68 -0.28 -12.27
N LEU A 182 13.84 -1.19 -11.80
CA LEU A 182 14.30 -2.54 -11.40
C LEU A 182 14.31 -3.48 -12.62
N VAL A 183 13.40 -3.32 -13.58
CA VAL A 183 13.26 -4.29 -14.72
C VAL A 183 13.45 -3.56 -16.07
N GLY A 186 11.92 -6.16 -20.03
CA GLY A 186 11.65 -7.51 -19.48
C GLY A 186 12.67 -8.00 -18.45
N LYS A 187 13.88 -7.42 -18.40
CA LYS A 187 15.03 -7.95 -17.61
C LYS A 187 15.33 -7.06 -16.39
N LEU A 188 15.92 -7.67 -15.36
CA LEU A 188 16.45 -6.99 -14.17
C LEU A 188 17.53 -6.00 -14.63
N ASN A 189 17.40 -4.72 -14.27
CA ASN A 189 18.49 -3.73 -14.38
C ASN A 189 18.80 -3.22 -12.97
N PHE A 190 19.61 -3.97 -12.22
CA PHE A 190 19.87 -3.65 -10.80
C PHE A 190 20.89 -2.51 -10.73
N ASP A 191 20.49 -1.31 -10.33
CA ASP A 191 21.48 -0.21 -10.14
C ASP A 191 22.05 -0.31 -8.73
N ASN A 192 23.32 -0.69 -8.57
CA ASN A 192 23.94 -0.86 -7.24
C ASN A 192 23.93 0.46 -6.47
N LYS A 193 24.35 1.56 -7.11
CA LYS A 193 24.49 2.88 -6.46
C LYS A 193 23.17 3.31 -5.82
N ALA A 194 22.07 3.28 -6.59
CA ALA A 194 20.72 3.63 -6.09
C ALA A 194 20.23 2.63 -5.03
N ALA A 195 20.49 1.33 -5.19
CA ALA A 195 20.12 0.32 -4.18
C ALA A 195 20.81 0.63 -2.85
N VAL A 196 22.14 0.86 -2.90
CA VAL A 196 22.90 1.18 -1.68
C VAL A 196 22.41 2.53 -1.12
N ASP A 197 22.17 3.52 -1.98
CA ASP A 197 21.70 4.87 -1.54
C ASP A 197 20.40 4.66 -0.76
N SER A 198 19.52 3.80 -1.27
CA SER A 198 18.20 3.58 -0.59
C SER A 198 18.42 2.96 0.80
N LEU A 199 19.17 1.85 0.90
CA LEU A 199 19.43 1.16 2.20
C LEU A 199 20.19 2.10 3.16
N LYS A 200 21.17 2.84 2.67
CA LYS A 200 21.91 3.86 3.47
C LYS A 200 20.96 4.93 4.00
N LEU A 201 19.99 5.38 3.19
CA LEU A 201 19.04 6.46 3.58
C LEU A 201 18.20 5.97 4.75
N TRP A 202 17.57 4.81 4.61
CA TRP A 202 16.71 4.30 5.70
C TRP A 202 17.57 4.12 6.96
N LYS A 203 18.81 3.67 6.82
CA LYS A 203 19.70 3.44 7.98
C LYS A 203 20.06 4.79 8.59
N SER A 204 20.29 5.82 7.76
CA SER A 204 20.70 7.17 8.21
C SER A 204 19.64 7.75 9.18
N PHE A 205 18.34 7.48 8.99
CA PHE A 205 17.32 8.05 9.90
C PHE A 205 17.49 7.47 11.30
N VAL A 206 17.84 6.19 11.38
CA VAL A 206 18.01 5.49 12.69
C VAL A 206 19.31 6.02 13.31
N ASP A 207 20.35 6.15 12.48
CA ASP A 207 21.68 6.57 12.97
C ASP A 207 21.64 8.03 13.45
N ASP A 208 20.82 8.89 12.83
CA ASP A 208 20.65 10.34 13.15
C ASP A 208 19.65 10.54 14.29
N GLY A 209 18.97 9.49 14.77
CA GLY A 209 17.96 9.56 15.84
C GLY A 209 16.65 10.08 15.32
N ILE A 210 16.54 10.32 14.01
CA ILE A 210 15.30 10.87 13.40
C ILE A 210 14.19 9.82 13.41
N SER A 211 14.55 8.55 13.26
CA SER A 211 13.66 7.37 13.45
C SER A 211 14.09 6.57 14.68
N LYS A 212 13.13 5.99 15.36
CA LYS A 212 13.42 5.18 16.58
C LYS A 212 14.30 3.97 16.23
N LYS A 213 15.08 3.51 17.20
CA LYS A 213 16.20 2.54 17.05
C LYS A 213 15.67 1.18 16.56
N ASN A 214 14.38 0.88 16.79
CA ASN A 214 13.76 -0.44 16.47
C ASN A 214 12.77 -0.28 15.31
N ILE A 215 13.06 0.60 14.34
CA ILE A 215 12.22 0.82 13.13
C ILE A 215 12.10 -0.51 12.36
N SER A 216 13.10 -1.37 12.47
CA SER A 216 13.07 -2.75 11.91
C SER A 216 11.84 -3.55 12.39
N GLU A 217 11.18 -3.16 13.49
CA GLU A 217 9.97 -3.82 14.06
C GLU A 217 8.68 -3.18 13.58
N VAL A 218 8.75 -2.15 12.74
CA VAL A 218 7.57 -1.28 12.47
C VAL A 218 6.92 -1.74 11.17
N ALA A 219 5.65 -2.12 11.27
CA ALA A 219 4.78 -2.48 10.12
C ALA A 219 3.86 -1.30 9.79
N THR A 220 3.12 -1.40 8.67
CA THR A 220 2.27 -0.30 8.13
C THR A 220 1.39 0.26 9.26
N ASP A 221 0.64 -0.62 9.95
CA ASP A 221 -0.38 -0.19 10.94
C ASP A 221 0.30 0.20 12.26
N ASP A 222 1.59 -0.09 12.44
CA ASP A 222 2.34 0.45 13.60
C ASP A 222 2.63 1.94 13.35
N THR A 223 3.06 2.28 12.14
CA THR A 223 3.25 3.71 11.75
C THR A 223 1.93 4.45 11.93
N ARG A 224 0.86 3.81 11.51
CA ARG A 224 -0.50 4.38 11.59
C ARG A 224 -0.86 4.62 13.06
N LYS A 225 -0.77 3.59 13.90
CA LYS A 225 -1.11 3.72 15.34
C LYS A 225 -0.27 4.79 15.99
N GLU A 226 1.05 4.77 15.80
CA GLU A 226 1.94 5.72 16.53
C GLU A 226 1.69 7.15 16.06
N PHE A 227 1.47 7.39 14.77
CA PHE A 227 1.24 8.77 14.27
C PHE A 227 -0.08 9.29 14.85
N GLN A 228 -1.09 8.42 14.87
CA GLN A 228 -2.45 8.72 15.39
C GLN A 228 -2.41 9.08 16.89
N ALA A 229 -1.51 8.45 17.66
CA ALA A 229 -1.31 8.70 19.10
C ALA A 229 -0.45 9.96 19.36
N GLY A 230 -0.08 10.71 18.32
CA GLY A 230 0.57 12.01 18.45
C GLY A 230 2.07 11.84 18.64
N LYS A 231 2.62 10.68 18.30
CA LYS A 231 4.03 10.31 18.62
C LYS A 231 4.96 10.48 17.42
N VAL A 232 4.48 10.97 16.28
CA VAL A 232 5.29 10.96 15.03
C VAL A 232 5.08 12.27 14.27
N LEU A 233 6.17 12.91 13.92
CA LEU A 233 6.11 14.16 13.10
C LEU A 233 5.81 13.79 11.65
N PHE A 234 6.55 12.84 11.09
CA PHE A 234 6.49 12.48 9.65
C PHE A 234 6.22 10.98 9.52
N ALA A 235 5.25 10.60 8.67
CA ALA A 235 4.85 9.19 8.49
C ALA A 235 4.77 8.87 7.00
N VAL A 236 5.45 7.81 6.58
CA VAL A 236 5.22 7.15 5.25
C VAL A 236 4.05 6.20 5.45
N ASN A 237 2.94 6.45 4.75
CA ASN A 237 1.77 5.52 4.76
C ASN A 237 0.91 5.66 3.51
N TRP A 238 -0.20 4.90 3.54
CA TRP A 238 -1.19 4.72 2.46
C TRP A 238 -2.42 5.52 2.85
N SER A 239 -3.39 5.65 1.95
CA SER A 239 -4.52 6.60 2.11
C SER A 239 -5.37 6.18 3.31
N TYR A 240 -5.50 4.88 3.60
CA TYR A 240 -6.48 4.39 4.60
C TYR A 240 -6.22 5.07 5.95
N ALA A 241 -4.98 5.38 6.29
CA ALA A 241 -4.62 5.92 7.62
C ALA A 241 -5.43 7.17 7.96
N TRP A 242 -5.77 7.96 6.93
CA TRP A 242 -6.45 9.27 7.09
C TRP A 242 -7.73 9.09 7.90
N THR A 243 -8.56 8.12 7.53
CA THR A 243 -9.87 7.93 8.19
C THR A 243 -9.61 7.69 9.69
N HIS A 244 -8.53 6.97 10.03
CA HIS A 244 -8.16 6.68 11.44
C HIS A 244 -7.69 7.99 12.11
N PHE A 245 -6.86 8.77 11.43
CA PHE A 245 -6.37 10.07 11.94
C PHE A 245 -7.51 11.02 12.30
N GLN A 246 -8.63 10.96 11.58
CA GLN A 246 -9.75 11.91 11.73
C GLN A 246 -10.93 11.27 12.49
N GLY A 247 -10.77 10.04 12.99
CA GLY A 247 -11.83 9.31 13.71
C GLY A 247 -11.86 9.63 15.20
N LYS A 248 -12.53 8.75 15.97
CA LYS A 248 -12.96 9.04 17.37
C LYS A 248 -11.90 8.61 18.37
N GLU A 249 -10.78 8.05 17.91
CA GLU A 249 -9.81 7.42 18.82
C GLU A 249 -8.43 8.00 18.49
N SER A 250 -8.38 9.27 18.11
CA SER A 250 -7.14 9.89 17.59
C SER A 250 -6.66 11.08 18.44
N GLN A 251 -5.34 11.27 18.48
CA GLN A 251 -4.67 12.42 19.11
C GLN A 251 -4.40 13.52 18.08
N VAL A 252 -4.78 13.33 16.81
CA VAL A 252 -4.27 14.21 15.71
C VAL A 252 -5.39 14.71 14.80
N ASN A 253 -6.66 14.59 15.21
CA ASN A 253 -7.81 15.19 14.49
C ASN A 253 -7.48 16.65 14.10
N ASP A 254 -7.56 16.97 12.80
CA ASP A 254 -7.40 18.35 12.25
C ASP A 254 -5.93 18.78 12.36
N LYS A 255 -5.03 17.87 12.69
CA LYS A 255 -3.58 18.21 12.88
C LYS A 255 -2.71 17.54 11.82
N VAL A 256 -3.30 17.05 10.72
CA VAL A 256 -2.60 16.21 9.72
C VAL A 256 -2.61 16.86 8.35
N GLY A 257 -1.42 17.07 7.81
CA GLY A 257 -1.20 17.38 6.38
C GLY A 257 -0.82 16.11 5.63
N VAL A 258 -1.01 16.16 4.31
CA VAL A 258 -0.60 15.10 3.35
C VAL A 258 0.17 15.77 2.23
N ALA A 259 1.40 15.30 2.00
CA ALA A 259 2.28 15.76 0.92
C ALA A 259 2.74 14.54 0.11
N ARG A 260 3.21 14.79 -1.09
CA ARG A 260 3.99 13.79 -1.86
C ARG A 260 5.27 13.52 -1.08
N LEU A 261 5.79 12.31 -1.21
CA LEU A 261 7.05 11.87 -0.60
C LEU A 261 8.20 12.79 -1.02
N PRO A 262 9.12 13.08 -0.08
CA PRO A 262 10.33 13.82 -0.41
C PRO A 262 11.10 13.02 -1.46
N ALA A 263 11.90 13.72 -2.28
CA ALA A 263 12.82 13.18 -3.30
C ALA A 263 14.20 13.00 -2.65
N VAL A 264 15.02 12.14 -3.21
CA VAL A 264 16.48 12.09 -2.87
C VAL A 264 17.15 13.31 -3.51
N LYS A 265 18.10 13.90 -2.81
CA LYS A 265 19.08 14.88 -3.37
C LYS A 265 19.01 14.83 -4.90
N GLY A 266 18.41 15.85 -5.52
CA GLY A 266 18.35 16.08 -6.97
C GLY A 266 17.55 15.01 -7.71
N GLY A 267 16.46 14.52 -7.12
CA GLY A 267 15.60 13.48 -7.72
C GLY A 267 14.17 13.95 -7.86
N GLU A 268 13.27 13.03 -8.23
CA GLU A 268 11.83 13.33 -8.42
C GLU A 268 11.05 12.88 -7.19
N GLN A 269 9.87 13.46 -6.97
CA GLN A 269 8.99 13.06 -5.84
C GLN A 269 8.12 11.89 -6.28
N THR A 270 8.78 10.75 -6.50
CA THR A 270 8.16 9.48 -6.95
C THR A 270 7.49 8.79 -5.76
N THR A 271 6.61 7.83 -6.04
CA THR A 271 6.01 6.99 -4.98
C THR A 271 5.73 5.60 -5.52
N CYS A 272 5.30 4.75 -4.59
CA CYS A 272 4.94 3.35 -4.85
C CYS A 272 3.44 3.23 -5.16
N LEU A 273 3.12 2.58 -6.26
CA LEU A 273 1.72 2.19 -6.57
C LEU A 273 1.32 1.08 -5.61
N GLY A 274 0.07 1.12 -5.14
CA GLY A 274 -0.51 0.05 -4.31
C GLY A 274 -1.93 -0.17 -4.79
N GLY A 275 -2.81 -0.66 -3.95
CA GLY A 275 -4.22 -0.89 -4.29
C GLY A 275 -4.54 -2.36 -4.35
N TRP A 276 -5.83 -2.67 -4.47
CA TRP A 276 -6.33 -4.04 -4.30
C TRP A 276 -7.42 -4.28 -5.32
N GLU A 277 -7.67 -5.57 -5.58
CA GLU A 277 -8.69 -6.03 -6.55
C GLU A 277 -9.42 -7.26 -6.01
N PHE A 278 -10.59 -7.54 -6.55
CA PHE A 278 -11.39 -8.73 -6.19
C PHE A 278 -11.24 -9.78 -7.28
N GLY A 279 -10.76 -10.95 -6.86
CA GLY A 279 -10.70 -12.15 -7.70
C GLY A 279 -11.79 -13.10 -7.29
N VAL A 280 -12.29 -13.89 -8.23
CA VAL A 280 -13.20 -15.04 -7.94
C VAL A 280 -12.36 -16.31 -7.96
N SER A 281 -12.33 -17.06 -6.85
CA SER A 281 -11.62 -18.36 -6.76
C SER A 281 -12.09 -19.28 -7.90
N ALA A 282 -11.12 -19.80 -8.62
CA ALA A 282 -11.26 -20.92 -9.55
C ALA A 282 -11.90 -22.14 -8.86
N TYR A 283 -11.92 -22.17 -7.53
CA TYR A 283 -12.40 -23.34 -6.73
C TYR A 283 -13.74 -23.05 -6.08
N SER A 284 -14.25 -21.84 -6.25
CA SER A 284 -15.59 -21.45 -5.77
C SER A 284 -16.65 -22.31 -6.44
N LYS A 285 -17.66 -22.74 -5.68
CA LYS A 285 -18.81 -23.50 -6.23
C LYS A 285 -19.99 -22.53 -6.45
N GLN A 286 -19.75 -21.21 -6.41
CA GLN A 286 -20.78 -20.16 -6.62
C GLN A 286 -20.19 -19.07 -7.52
N GLN A 287 -19.57 -19.47 -8.62
CA GLN A 287 -18.86 -18.59 -9.58
C GLN A 287 -19.78 -17.45 -10.01
N ASP A 288 -21.00 -17.79 -10.39
CA ASP A 288 -21.99 -16.84 -10.93
C ASP A 288 -22.29 -15.76 -9.86
N GLU A 289 -22.66 -16.17 -8.64
CA GLU A 289 -23.06 -15.20 -7.59
C GLU A 289 -21.83 -14.43 -7.10
N ALA A 290 -20.67 -15.07 -7.07
CA ALA A 290 -19.40 -14.41 -6.71
C ALA A 290 -19.16 -13.27 -7.69
N LYS A 291 -19.32 -13.55 -8.98
CA LYS A 291 -19.05 -12.56 -10.05
C LYS A 291 -20.00 -11.38 -9.90
N LYS A 292 -21.28 -11.64 -9.60
CA LYS A 292 -22.27 -10.55 -9.46
C LYS A 292 -21.88 -9.69 -8.24
N LEU A 293 -21.37 -10.31 -7.18
CA LEU A 293 -20.94 -9.60 -5.97
C LEU A 293 -19.74 -8.71 -6.32
N VAL A 294 -18.77 -9.23 -7.05
CA VAL A 294 -17.57 -8.44 -7.42
C VAL A 294 -17.99 -7.27 -8.34
N GLU A 295 -18.90 -7.51 -9.31
CA GLU A 295 -19.43 -6.39 -10.16
C GLU A 295 -19.99 -5.27 -9.27
N TYR A 296 -20.71 -5.59 -8.20
CA TYR A 296 -21.25 -4.57 -7.26
C TYR A 296 -20.08 -3.89 -6.52
N LEU A 297 -19.13 -4.67 -6.02
CA LEU A 297 -18.11 -4.11 -5.08
C LEU A 297 -17.09 -3.28 -5.84
N SER A 298 -16.95 -3.53 -7.14
CA SER A 298 -16.05 -2.80 -8.06
C SER A 298 -16.83 -1.75 -8.85
N SER A 299 -18.10 -1.47 -8.50
CA SER A 299 -18.95 -0.43 -9.12
C SER A 299 -18.55 0.97 -8.62
N GLN A 300 -18.87 1.99 -9.39
CA GLN A 300 -18.54 3.40 -9.05
C GLN A 300 -19.13 3.78 -7.68
N ASP A 301 -20.39 3.49 -7.44
CA ASP A 301 -21.08 3.87 -6.17
C ASP A 301 -20.32 3.30 -4.97
N VAL A 302 -19.85 2.05 -5.06
CA VAL A 302 -19.14 1.38 -3.93
C VAL A 302 -17.72 1.94 -3.86
N SER A 303 -17.10 2.25 -5.00
CA SER A 303 -15.78 2.93 -5.01
C SER A 303 -15.89 4.26 -4.23
N LYS A 304 -17.00 4.98 -4.41
CA LYS A 304 -17.26 6.33 -3.79
C LYS A 304 -17.51 6.15 -2.30
N PHE A 305 -18.30 5.14 -1.92
CA PHE A 305 -18.69 4.87 -0.52
C PHE A 305 -17.42 4.59 0.29
N MET A 306 -16.53 3.78 -0.26
CA MET A 306 -15.28 3.34 0.44
C MET A 306 -14.27 4.49 0.51
N ALA A 307 -14.24 5.38 -0.49
CA ALA A 307 -13.44 6.63 -0.41
C ALA A 307 -13.91 7.51 0.77
N ILE A 308 -15.23 7.71 0.89
CA ILE A 308 -15.83 8.61 1.90
C ILE A 308 -15.68 7.95 3.26
N ASN A 309 -15.99 6.66 3.35
CA ASN A 309 -16.15 5.98 4.66
C ASN A 309 -14.82 5.36 5.11
N ALA A 310 -13.83 5.16 4.23
CA ALA A 310 -12.58 4.48 4.68
C ALA A 310 -11.34 5.10 4.08
N ALA A 311 -11.42 6.25 3.40
CA ALA A 311 -10.24 6.89 2.78
C ALA A 311 -9.48 5.90 1.88
N LEU A 312 -10.23 5.03 1.19
CA LEU A 312 -9.70 4.16 0.13
C LEU A 312 -9.74 4.95 -1.18
N LEU A 313 -8.59 5.22 -1.75
CA LEU A 313 -8.52 6.01 -3.01
C LEU A 313 -9.29 5.30 -4.10
N PRO A 314 -10.07 6.05 -4.92
CA PRO A 314 -10.89 5.47 -5.97
C PRO A 314 -10.18 4.83 -7.16
N THR A 315 -10.90 3.95 -7.84
CA THR A 315 -10.48 3.28 -9.10
C THR A 315 -11.04 4.02 -10.32
N TYR A 316 -11.88 5.04 -10.09
CA TYR A 316 -12.55 5.82 -11.17
C TYR A 316 -11.98 7.24 -11.10
N ALA A 317 -11.41 7.76 -12.19
CA ALA A 317 -10.79 9.11 -12.21
C ALA A 317 -11.77 10.17 -11.69
N ALA A 318 -13.06 10.08 -12.08
CA ALA A 318 -14.10 11.10 -11.77
C ALA A 318 -14.28 11.26 -10.25
N LEU A 319 -14.07 10.18 -9.47
CA LEU A 319 -14.35 10.21 -8.01
C LEU A 319 -13.30 11.03 -7.25
N TYR A 320 -12.12 11.29 -7.80
CA TYR A 320 -11.08 12.04 -7.04
C TYR A 320 -11.53 13.48 -6.76
N LYS A 321 -12.35 14.09 -7.63
CA LYS A 321 -12.83 15.48 -7.46
C LYS A 321 -14.35 15.52 -7.25
N ASP A 322 -14.96 14.37 -7.02
CA ASP A 322 -16.40 14.26 -6.64
C ASP A 322 -16.67 15.17 -5.44
N ALA A 323 -17.70 16.01 -5.52
CA ALA A 323 -18.06 17.00 -4.48
C ALA A 323 -18.04 16.33 -3.10
N ASP A 324 -18.77 15.24 -2.91
CA ASP A 324 -18.91 14.58 -1.58
C ASP A 324 -17.59 13.93 -1.15
N VAL A 325 -16.80 13.41 -2.09
CA VAL A 325 -15.47 12.81 -1.78
C VAL A 325 -14.55 13.89 -1.19
N THR A 326 -14.39 15.01 -1.90
CA THR A 326 -13.42 16.09 -1.52
C THR A 326 -13.94 16.92 -0.35
N LYS A 327 -15.26 17.02 -0.15
CA LYS A 327 -15.85 17.58 1.09
C LYS A 327 -15.33 16.79 2.30
N THR A 328 -15.33 15.46 2.20
CA THR A 328 -14.92 14.50 3.26
C THR A 328 -13.39 14.48 3.40
N ILE A 329 -12.66 14.29 2.30
CA ILE A 329 -11.16 14.24 2.32
C ILE A 329 -10.69 15.22 1.25
N PRO A 330 -10.45 16.50 1.58
CA PRO A 330 -9.99 17.47 0.59
C PRO A 330 -8.77 17.03 -0.24
N TRP A 331 -7.78 16.39 0.38
CA TRP A 331 -6.52 16.06 -0.34
C TRP A 331 -6.74 14.98 -1.43
N PHE A 332 -7.88 14.25 -1.46
CA PHE A 332 -8.16 13.32 -2.58
C PHE A 332 -8.18 14.10 -3.91
N ALA A 333 -8.58 15.37 -3.90
CA ALA A 333 -8.74 16.22 -5.11
C ALA A 333 -7.40 16.34 -5.85
N ASP A 334 -6.27 16.20 -5.15
CA ASP A 334 -4.90 16.34 -5.71
C ASP A 334 -4.20 14.99 -5.88
N ALA A 335 -4.89 13.90 -5.54
CA ALA A 335 -4.24 12.58 -5.37
C ALA A 335 -4.18 11.86 -6.72
N LEU A 336 -5.07 12.17 -7.68
CA LEU A 336 -5.12 11.38 -8.95
C LEU A 336 -3.76 11.35 -9.64
N PRO A 337 -3.09 12.50 -9.92
CA PRO A 337 -1.80 12.44 -10.60
C PRO A 337 -0.70 11.70 -9.83
N VAL A 338 -0.76 11.69 -8.50
CA VAL A 338 0.19 10.86 -7.70
C VAL A 338 -0.08 9.36 -7.99
N VAL A 339 -1.33 8.94 -8.02
CA VAL A 339 -1.69 7.51 -8.25
C VAL A 339 -1.32 7.12 -9.69
N GLU A 340 -1.57 8.00 -10.65
CA GLU A 340 -1.41 7.68 -12.10
C GLU A 340 0.05 7.73 -12.51
N THR A 341 0.95 8.26 -11.69
CA THR A 341 2.40 8.31 -12.00
C THR A 341 3.20 7.47 -11.01
N ALA A 342 2.55 6.88 -10.00
CA ALA A 342 3.17 6.00 -8.98
C ALA A 342 3.83 4.80 -9.68
N LYS A 343 5.06 4.45 -9.27
CA LYS A 343 5.87 3.39 -9.91
C LYS A 343 5.43 2.02 -9.40
N ALA A 344 5.36 1.04 -10.29
CA ALA A 344 4.86 -0.31 -9.96
C ALA A 344 6.03 -1.19 -9.50
N ARG A 345 5.77 -2.01 -8.49
CA ARG A 345 6.65 -3.15 -8.12
C ARG A 345 6.65 -4.12 -9.31
N PRO A 346 7.71 -4.95 -9.45
CA PRO A 346 7.75 -5.94 -10.53
C PRO A 346 6.45 -6.74 -10.69
N VAL A 347 6.01 -6.86 -11.94
CA VAL A 347 4.98 -7.83 -12.37
C VAL A 347 5.70 -9.15 -12.67
N THR A 348 5.46 -10.17 -11.85
CA THR A 348 5.99 -11.53 -12.10
C THR A 348 5.18 -12.56 -11.33
N PRO A 349 4.98 -13.77 -11.87
CA PRO A 349 4.36 -14.82 -11.10
C PRO A 349 5.16 -15.23 -9.86
N ARG A 350 6.47 -15.02 -9.84
CA ARG A 350 7.37 -15.33 -8.71
C ARG A 350 7.51 -14.13 -7.78
N TYR A 351 6.45 -13.33 -7.64
CA TYR A 351 6.58 -12.04 -6.89
C TYR A 351 6.83 -12.37 -5.42
N ASN A 352 6.35 -13.49 -4.89
CA ASN A 352 6.60 -13.88 -3.48
C ASN A 352 8.10 -13.91 -3.22
N GLU A 353 8.88 -14.49 -4.14
CA GLU A 353 10.35 -14.59 -3.96
C GLU A 353 11.00 -13.21 -4.03
N VAL A 354 10.54 -12.36 -4.96
CA VAL A 354 11.06 -10.96 -5.11
C VAL A 354 10.88 -10.25 -3.77
N SER A 355 9.62 -10.21 -3.31
CA SER A 355 9.22 -9.62 -2.01
C SER A 355 10.11 -10.12 -0.88
N GLU A 356 10.25 -11.44 -0.76
CA GLU A 356 11.01 -12.09 0.35
C GLU A 356 12.45 -11.58 0.33
N THR A 357 13.08 -11.51 -0.85
CA THR A 357 14.49 -11.05 -0.99
C THR A 357 14.59 -9.61 -0.46
N ILE A 358 13.72 -8.72 -0.92
CA ILE A 358 13.89 -7.25 -0.71
C ILE A 358 13.56 -6.93 0.74
N ARG A 359 12.40 -7.37 1.23
CA ARG A 359 11.94 -7.03 2.60
C ARG A 359 12.89 -7.59 3.66
N THR A 360 13.48 -8.78 3.46
CA THR A 360 14.44 -9.40 4.41
C THR A 360 15.76 -8.63 4.34
N THR A 361 16.09 -8.03 3.21
CA THR A 361 17.33 -7.23 3.06
C THR A 361 17.13 -5.88 3.77
N VAL A 362 15.99 -5.22 3.54
CA VAL A 362 15.63 -3.92 4.20
C VAL A 362 15.67 -4.11 5.73
N ASN A 363 14.95 -5.12 6.22
CA ASN A 363 14.85 -5.42 7.66
C ASN A 363 16.25 -5.71 8.25
N GLY A 364 17.09 -6.49 7.56
CA GLY A 364 18.41 -6.89 8.08
C GLY A 364 19.36 -5.72 8.18
N VAL A 365 19.35 -4.84 7.17
CA VAL A 365 20.14 -3.60 7.19
C VAL A 365 19.73 -2.77 8.43
N LEU A 366 18.43 -2.60 8.65
CA LEU A 366 17.92 -1.69 9.69
C LEU A 366 18.10 -2.34 11.07
N ALA A 367 18.25 -3.65 11.14
CA ALA A 367 18.46 -4.39 12.41
C ALA A 367 19.96 -4.50 12.69
N GLY A 368 20.82 -4.09 11.74
CA GLY A 368 22.28 -4.12 11.89
C GLY A 368 22.91 -5.49 11.62
N VAL A 369 22.23 -6.34 10.86
CA VAL A 369 22.73 -7.71 10.52
C VAL A 369 23.85 -7.60 9.47
N MET A 370 23.70 -6.67 8.53
CA MET A 370 24.47 -6.54 7.27
C MET A 370 24.53 -5.05 6.92
N THR A 371 25.65 -4.58 6.39
CA THR A 371 25.80 -3.21 5.88
C THR A 371 24.82 -2.97 4.74
N PRO A 372 24.42 -1.70 4.47
CA PRO A 372 23.73 -1.35 3.24
C PRO A 372 24.39 -1.89 1.97
N GLU A 373 25.73 -1.88 1.90
CA GLU A 373 26.46 -2.31 0.69
C GLU A 373 26.31 -3.84 0.53
N ASP A 374 26.46 -4.60 1.61
CA ASP A 374 26.35 -6.07 1.58
C ASP A 374 24.90 -6.46 1.27
N GLY A 375 23.95 -5.78 1.90
CA GLY A 375 22.50 -5.95 1.63
C GLY A 375 22.19 -5.82 0.15
N ALA A 376 22.60 -4.74 -0.51
CA ALA A 376 22.42 -4.55 -1.97
C ALA A 376 23.06 -5.71 -2.74
N LYS A 377 24.25 -6.14 -2.34
CA LYS A 377 25.03 -7.21 -3.02
C LYS A 377 24.20 -8.50 -3.02
N GLN A 378 23.64 -8.85 -1.86
CA GLN A 378 22.85 -10.08 -1.60
C GLN A 378 21.54 -10.01 -2.39
N MET A 379 20.92 -8.83 -2.40
CA MET A 379 19.61 -8.61 -3.05
C MET A 379 19.73 -8.86 -4.55
N GLU A 380 20.80 -8.35 -5.17
CA GLU A 380 21.04 -8.38 -6.64
C GLU A 380 21.21 -9.84 -7.05
N SER A 381 22.05 -10.57 -6.33
CA SER A 381 22.28 -12.01 -6.52
C SER A 381 20.95 -12.77 -6.45
N ARG A 382 20.13 -12.52 -5.41
CA ARG A 382 18.86 -13.27 -5.19
C ARG A 382 17.85 -12.86 -6.26
N LEU A 383 17.75 -11.57 -6.60
CA LEU A 383 16.80 -11.09 -7.65
C LEU A 383 17.23 -11.64 -9.02
N ARG A 384 18.54 -11.72 -9.26
CA ARG A 384 19.11 -12.25 -10.52
C ARG A 384 18.49 -13.62 -10.80
N ARG A 385 18.47 -14.49 -9.79
CA ARG A 385 17.97 -15.88 -9.88
C ARG A 385 16.48 -15.87 -10.27
N VAL A 386 15.69 -14.94 -9.75
CA VAL A 386 14.20 -14.96 -9.89
C VAL A 386 13.72 -14.25 -11.17
N LEU A 387 14.35 -13.15 -11.62
CA LEU A 387 13.81 -12.32 -12.75
C LEU A 387 14.58 -12.60 -14.06
#